data_6CZW
#
_entry.id   6CZW
#
_cell.length_a   73.928
_cell.length_b   83.534
_cell.length_c   41.525
_cell.angle_alpha   90.000
_cell.angle_beta   106.720
_cell.angle_gamma   90.000
#
_symmetry.space_group_name_H-M   'C 1 2 1'
#
loop_
_entity.id
_entity.type
_entity.pdbx_description
1 polymer 'Endothelial PAS domain-containing protein 1'
2 polymer 'Aryl hydrocarbon receptor nuclear translocator'
3 non-polymer {2-bromo-3-(3-chloro-5-fluorophenoxy)-6-[(difluoromethyl)sulfonyl]phenyl}methanol
4 water water
#
loop_
_entity_poly.entity_id
_entity_poly.type
_entity_poly.pdbx_seq_one_letter_code
_entity_poly.pdbx_strand_id
1 'polypeptide(L)'
;GEFKGLDSKTFLSEHSMDMKFTYCDDRITELIGYHPEELLGRSAYEFYHALDSENMTKSHQNLCTKGQVVSGQYRMLAKH
GGYVWLETQGTVIYNPRNLQPQCIMCVNYVLSEIEKN
;
A
2 'polypeptide(L)'
;GEFKGLNVCQPTRFISRHNIEGIFTFVDHRCVATVGYQPQELLGKNIVEFCHPEDQQLLRDSFQQVVKLKGQVLSVMFRF
RSKNQEWLWMRTSSFTFQNPYSDEIEYIICTNTNVKNSSQE
;
B
#
# COMPACT_ATOMS: atom_id res chain seq x y z
N PHE A 3 -16.45 -18.22 -21.76
CA PHE A 3 -16.56 -18.91 -20.44
C PHE A 3 -15.22 -19.62 -19.97
N LYS A 4 -14.81 -19.43 -18.70
CA LYS A 4 -13.59 -20.09 -18.18
C LYS A 4 -13.85 -21.16 -17.14
N GLY A 5 -13.03 -22.22 -17.13
CA GLY A 5 -13.15 -23.31 -16.14
C GLY A 5 -12.47 -22.91 -14.84
N LEU A 6 -13.00 -23.55 -13.47
CA LEU A 6 -12.57 -23.04 -12.15
C LEU A 6 -11.08 -22.85 -11.96
N ASP A 7 -10.28 -23.83 -12.36
CA ASP A 7 -8.85 -23.76 -12.17
C ASP A 7 -8.33 -22.53 -12.91
N SER A 8 -8.83 -22.24 -14.12
CA SER A 8 -8.28 -21.15 -14.87
C SER A 8 -8.57 -19.79 -14.25
N LYS A 9 -9.52 -19.69 -13.30
CA LYS A 9 -9.78 -18.40 -12.62
C LYS A 9 -9.21 -18.31 -11.21
N THR A 10 -8.37 -19.30 -10.84
CA THR A 10 -7.88 -19.37 -9.49
C THR A 10 -6.35 -19.26 -9.57
N PHE A 11 -5.77 -18.60 -8.57
CA PHE A 11 -4.29 -18.60 -8.54
C PHE A 11 -3.83 -18.43 -7.13
N LEU A 12 -2.62 -18.92 -6.90
CA LEU A 12 -2.13 -18.82 -5.47
C LEU A 12 -1.14 -17.67 -5.34
N SER A 13 -1.16 -17.04 -4.19
CA SER A 13 -0.08 -16.09 -3.85
C SER A 13 0.43 -16.27 -2.44
N GLU A 14 1.66 -15.83 -2.17
CA GLU A 14 2.24 -15.97 -0.85
C GLU A 14 2.72 -14.59 -0.46
N HIS A 15 2.60 -14.32 0.82
CA HIS A 15 2.97 -12.97 1.31
C HIS A 15 3.74 -13.07 2.56
N SER A 16 4.59 -12.06 2.82
CA SER A 16 5.21 -11.97 4.18
C SER A 16 4.19 -11.34 5.12
N MET A 17 4.50 -11.35 6.44
CA MET A 17 3.47 -11.00 7.41
C MET A 17 3.19 -9.49 7.27
N ASP A 18 4.14 -8.78 6.64
CA ASP A 18 3.91 -7.38 6.25
C ASP A 18 3.06 -7.19 4.99
N MET A 19 2.44 -8.27 4.51
CA MET A 19 1.51 -8.29 3.38
C MET A 19 2.17 -8.16 2.02
N LYS A 20 3.51 -8.02 1.98
CA LYS A 20 4.14 -7.91 0.68
C LYS A 20 4.09 -9.26 -0.04
N PHE A 21 3.88 -9.21 -1.37
CA PHE A 21 3.97 -10.45 -2.20
C PHE A 21 5.40 -11.00 -2.11
N THR A 22 5.51 -12.31 -1.88
CA THR A 22 6.75 -13.04 -2.01
C THR A 22 6.69 -14.10 -3.06
N TYR A 23 5.49 -14.46 -3.57
CA TYR A 23 5.38 -15.42 -4.70
C TYR A 23 3.96 -15.22 -5.29
N CYS A 24 3.81 -15.35 -6.58
CA CYS A 24 2.50 -15.39 -7.19
C CYS A 24 2.54 -16.34 -8.41
N ASP A 25 1.46 -17.13 -8.60
CA ASP A 25 1.38 -18.06 -9.72
C ASP A 25 1.32 -17.27 -10.97
N ASP A 26 1.79 -17.88 -12.03
CA ASP A 26 1.73 -17.19 -13.35
C ASP A 26 0.33 -17.01 -13.89
N ARG A 27 -0.67 -17.74 -13.40
CA ARG A 27 -2.08 -17.60 -13.88
C ARG A 27 -2.57 -16.13 -13.75
N ILE A 28 -1.90 -15.32 -12.88
CA ILE A 28 -2.45 -13.97 -12.59
C ILE A 28 -2.38 -13.11 -13.84
N THR A 29 -1.42 -13.50 -14.67
CA THR A 29 -1.06 -12.65 -15.87
C THR A 29 -2.28 -12.61 -16.83
N GLU A 30 -2.81 -13.78 -17.19
CA GLU A 30 -4.02 -13.85 -18.04
C GLU A 30 -5.27 -13.20 -17.44
N LEU A 31 -5.36 -13.16 -16.11
CA LEU A 31 -6.50 -12.75 -15.41
C LEU A 31 -6.49 -11.25 -15.04
N ILE A 32 -5.32 -10.71 -14.67
CA ILE A 32 -5.28 -9.32 -14.09
C ILE A 32 -4.17 -8.45 -14.75
N GLY A 33 -3.23 -9.11 -15.40
CA GLY A 33 -2.27 -8.46 -16.28
C GLY A 33 -0.86 -8.44 -15.70
N TYR A 34 -0.72 -8.68 -14.37
CA TYR A 34 0.57 -8.59 -13.76
C TYR A 34 1.45 -9.78 -14.04
N HIS A 35 2.77 -9.50 -14.14
CA HIS A 35 3.73 -10.55 -14.17
C HIS A 35 4.11 -10.76 -12.72
N PRO A 36 4.20 -12.02 -12.32
CA PRO A 36 4.48 -12.20 -10.88
C PRO A 36 5.70 -11.45 -10.37
N GLU A 37 6.78 -11.37 -11.16
CA GLU A 37 7.97 -10.78 -10.54
C GLU A 37 7.79 -9.26 -10.30
N GLU A 38 6.85 -8.61 -11.00
CA GLU A 38 6.58 -7.20 -10.70
C GLU A 38 5.78 -6.94 -9.43
N LEU A 39 5.20 -8.01 -8.89
CA LEU A 39 4.43 -7.87 -7.68
C LEU A 39 5.29 -7.99 -6.46
N LEU A 40 6.39 -8.71 -6.60
CA LEU A 40 7.20 -9.02 -5.45
C LEU A 40 7.65 -7.80 -4.69
N GLY A 41 7.58 -7.88 -3.37
CA GLY A 41 8.00 -6.77 -2.53
C GLY A 41 7.01 -5.61 -2.35
N ARG A 42 5.86 -5.72 -2.96
CA ARG A 42 4.79 -4.73 -2.80
C ARG A 42 3.68 -5.23 -1.98
N SER A 43 3.21 -4.40 -1.05
CA SER A 43 2.13 -4.86 -0.16
C SER A 43 0.79 -5.01 -0.88
N ALA A 44 -0.02 -5.98 -0.40
CA ALA A 44 -1.38 -6.15 -0.94
C ALA A 44 -2.14 -4.84 -0.94
N TYR A 45 -1.88 -4.06 0.11
CA TYR A 45 -2.56 -2.78 0.27
C TYR A 45 -2.37 -1.81 -0.91
N GLU A 46 -1.34 -2.00 -1.73
CA GLU A 46 -1.18 -1.09 -2.84
C GLU A 46 -2.24 -1.29 -3.86
N PHE A 47 -2.93 -2.46 -3.82
CA PHE A 47 -3.76 -2.86 -4.93
C PHE A 47 -5.32 -2.87 -4.62
N TYR A 48 -5.70 -2.69 -3.35
CA TYR A 48 -7.15 -2.71 -3.05
C TYR A 48 -7.78 -1.40 -3.49
N HIS A 49 -8.94 -1.48 -4.11
CA HIS A 49 -9.76 -0.27 -4.26
C HIS A 49 -9.96 0.45 -2.98
N ALA A 50 -10.05 1.78 -3.04
CA ALA A 50 -10.22 2.62 -1.84
C ALA A 50 -11.43 2.20 -0.98
N LEU A 51 -12.44 1.73 -1.65
CA LEU A 51 -13.74 1.49 -0.97
C LEU A 51 -13.72 0.14 -0.28
N ASP A 52 -12.63 -0.62 -0.47
CA ASP A 52 -12.48 -1.97 0.12
C ASP A 52 -11.41 -1.96 1.16
N SER A 53 -10.66 -0.85 1.23
CA SER A 53 -9.45 -0.81 2.03
C SER A 53 -9.66 -1.13 3.51
N GLU A 54 -10.58 -0.38 4.12
CA GLU A 54 -10.91 -0.55 5.55
C GLU A 54 -11.42 -1.98 5.86
N ASN A 55 -12.31 -2.51 5.01
CA ASN A 55 -12.80 -3.90 5.09
C ASN A 55 -11.65 -4.95 4.99
N MET A 56 -10.70 -4.71 4.11
CA MET A 56 -9.57 -5.60 4.06
C MET A 56 -8.69 -5.56 5.35
N THR A 57 -8.50 -4.37 5.92
CA THR A 57 -7.72 -4.16 7.14
C THR A 57 -8.38 -5.00 8.25
N LYS A 58 -9.73 -4.98 8.30
CA LYS A 58 -10.52 -5.71 9.34
C LYS A 58 -10.44 -7.19 9.05
N SER A 59 -10.42 -7.55 7.78
CA SER A 59 -10.32 -8.97 7.44
CA SER A 59 -10.32 -8.97 7.44
CA SER A 59 -10.30 -8.98 7.43
C SER A 59 -8.94 -9.50 7.80
N HIS A 60 -7.92 -8.65 7.63
CA HIS A 60 -6.53 -9.00 8.00
C HIS A 60 -6.44 -9.17 9.49
N GLN A 61 -7.10 -8.31 10.28
CA GLN A 61 -7.01 -8.47 11.73
C GLN A 61 -7.52 -9.85 12.13
N ASN A 62 -8.63 -10.24 11.53
CA ASN A 62 -9.32 -11.47 11.74
C ASN A 62 -8.49 -12.67 11.37
N LEU A 63 -7.82 -12.57 10.22
CA LEU A 63 -6.84 -13.59 9.80
C LEU A 63 -5.73 -13.75 10.85
N CYS A 64 -5.29 -12.65 11.47
CA CYS A 64 -4.20 -12.71 12.44
C CYS A 64 -4.68 -13.21 13.77
N THR A 65 -5.95 -12.97 14.09
CA THR A 65 -6.48 -13.46 15.37
C THR A 65 -6.96 -14.88 15.18
N LYS A 66 -7.61 -15.17 14.05
CA LYS A 66 -8.08 -16.53 13.88
C LYS A 66 -7.09 -17.52 13.22
N GLY A 67 -6.21 -17.03 12.34
CA GLY A 67 -5.30 -17.96 11.61
C GLY A 67 -5.72 -18.33 10.16
N GLN A 68 -7.01 -18.21 9.85
CA GLN A 68 -7.54 -18.45 8.52
C GLN A 68 -8.76 -17.56 8.40
N VAL A 69 -8.98 -17.00 7.21
CA VAL A 69 -10.16 -16.12 7.01
C VAL A 69 -10.53 -16.24 5.56
N VAL A 70 -11.78 -15.98 5.24
CA VAL A 70 -12.23 -15.83 3.86
C VAL A 70 -12.53 -14.36 3.74
N SER A 71 -12.04 -13.73 2.68
CA SER A 71 -12.09 -12.32 2.52
C SER A 71 -13.50 -11.81 2.18
N GLY A 72 -14.35 -12.58 1.54
CA GLY A 72 -15.52 -11.78 1.05
C GLY A 72 -15.06 -10.89 -0.12
N GLN A 73 -15.99 -10.22 -0.81
CA GLN A 73 -15.71 -9.76 -2.18
C GLN A 73 -14.94 -8.44 -2.24
N TYR A 74 -13.81 -8.41 -2.98
CA TYR A 74 -13.06 -7.14 -3.05
C TYR A 74 -12.51 -6.87 -4.46
N ARG A 75 -11.92 -5.68 -4.67
CA ARG A 75 -11.42 -5.29 -6.01
C ARG A 75 -9.93 -5.19 -5.95
N MET A 76 -9.26 -5.75 -6.97
CA MET A 76 -7.81 -5.52 -7.17
C MET A 76 -7.65 -4.63 -8.41
N LEU A 77 -6.88 -3.52 -8.19
CA LEU A 77 -6.39 -2.65 -9.28
C LEU A 77 -5.76 -3.56 -10.34
N ALA A 78 -6.19 -3.49 -11.59
CA ALA A 78 -5.52 -4.31 -12.68
C ALA A 78 -4.34 -3.56 -13.27
N LYS A 79 -3.46 -4.31 -13.94
CA LYS A 79 -2.17 -3.78 -14.40
C LYS A 79 -2.32 -2.54 -15.30
N HIS A 80 -3.31 -2.58 -16.16
CA HIS A 80 -3.53 -1.46 -17.07
C HIS A 80 -4.78 -0.73 -16.68
N GLY A 81 -4.96 -0.58 -15.37
CA GLY A 81 -6.10 0.17 -14.87
C GLY A 81 -7.40 -0.60 -14.89
N GLY A 82 -8.40 0.01 -14.26
CA GLY A 82 -9.59 -0.73 -13.87
C GLY A 82 -9.29 -1.71 -12.73
N TYR A 83 -10.32 -2.49 -12.41
CA TYR A 83 -10.37 -3.39 -11.24
C TYR A 83 -10.95 -4.73 -11.59
N VAL A 84 -10.45 -5.80 -10.97
CA VAL A 84 -11.06 -7.14 -11.06
C VAL A 84 -11.62 -7.58 -9.70
N TRP A 85 -12.83 -8.16 -9.64
CA TRP A 85 -13.36 -8.62 -8.32
C TRP A 85 -12.75 -9.97 -7.97
N LEU A 86 -12.39 -10.14 -6.67
CA LEU A 86 -11.79 -11.37 -6.16
C LEU A 86 -12.46 -11.76 -4.87
N GLU A 87 -12.33 -13.03 -4.52
CA GLU A 87 -12.57 -13.55 -3.16
C GLU A 87 -11.30 -14.37 -2.88
N THR A 88 -10.78 -14.26 -1.65
CA THR A 88 -9.56 -14.95 -1.26
C THR A 88 -9.77 -15.75 -0.02
N GLN A 89 -9.18 -16.96 0.00
CA GLN A 89 -9.02 -17.66 1.27
C GLN A 89 -7.61 -17.47 1.70
N GLY A 90 -7.43 -16.81 2.85
CA GLY A 90 -6.06 -16.62 3.43
C GLY A 90 -5.75 -17.60 4.58
N THR A 91 -4.53 -18.09 4.62
CA THR A 91 -4.08 -19.00 5.70
C THR A 91 -2.74 -18.60 6.18
N VAL A 92 -2.54 -18.47 7.51
CA VAL A 92 -1.23 -18.13 8.04
C VAL A 92 -0.53 -19.42 8.27
N ILE A 93 0.71 -19.46 7.84
CA ILE A 93 1.59 -20.62 8.12
C ILE A 93 2.49 -20.21 9.27
N TYR A 94 2.41 -20.96 10.37
CA TYR A 94 3.16 -20.60 11.62
C TYR A 94 4.27 -21.65 11.77
N ASN A 95 5.44 -21.33 12.35
CA ASN A 95 6.56 -22.35 12.32
C ASN A 95 6.89 -23.35 13.50
N PRO A 96 8.10 -23.22 14.14
CA PRO A 96 8.66 -24.25 15.08
C PRO A 96 8.03 -24.26 16.49
N PRO A 101 4.47 -16.50 13.30
CA PRO A 101 3.99 -16.57 11.93
C PRO A 101 5.05 -16.42 10.92
N GLN A 102 4.97 -17.23 9.86
CA GLN A 102 5.97 -17.23 8.83
C GLN A 102 5.54 -16.55 7.54
N CYS A 103 4.36 -16.92 7.08
CA CYS A 103 3.90 -16.34 5.77
C CYS A 103 2.41 -16.52 5.66
N ILE A 104 1.82 -15.84 4.71
CA ILE A 104 0.42 -15.94 4.51
C ILE A 104 0.24 -16.54 3.12
N MET A 105 -0.60 -17.58 3.02
CA MET A 105 -0.88 -18.21 1.72
C MET A 105 -2.29 -17.87 1.34
N CYS A 106 -2.47 -17.46 0.07
CA CYS A 106 -3.72 -16.90 -0.39
C CYS A 106 -4.14 -17.76 -1.54
N VAL A 107 -5.39 -18.22 -1.51
CA VAL A 107 -5.94 -18.86 -2.71
C VAL A 107 -6.98 -17.87 -3.26
N ASN A 108 -6.75 -17.38 -4.46
CA ASN A 108 -7.47 -16.20 -4.98
C ASN A 108 -8.34 -16.64 -6.13
N TYR A 109 -9.62 -16.26 -6.13
CA TYR A 109 -10.57 -16.66 -7.16
CA TYR A 109 -10.50 -16.64 -7.19
C TYR A 109 -11.16 -15.41 -7.79
N VAL A 110 -11.07 -15.32 -9.06
CA VAL A 110 -11.51 -14.13 -9.84
C VAL A 110 -12.98 -14.30 -10.10
N LEU A 111 -13.71 -13.26 -9.69
CA LEU A 111 -15.21 -13.16 -9.84
C LEU A 111 -15.67 -12.35 -11.07
N SER A 112 -14.78 -11.66 -11.77
CA SER A 112 -15.15 -10.80 -12.85
C SER A 112 -14.01 -10.61 -13.85
N GLU A 113 -14.32 -10.05 -15.04
CA GLU A 113 -13.29 -9.51 -15.94
C GLU A 113 -12.78 -8.10 -15.45
N ILE A 114 -11.73 -7.54 -16.08
CA ILE A 114 -11.27 -6.12 -15.81
C ILE A 114 -12.42 -5.15 -16.12
N GLU A 115 -12.75 -4.30 -15.15
CA GLU A 115 -13.83 -3.28 -15.28
C GLU A 115 -13.21 -1.89 -15.14
N CYS B 9 -5.70 31.57 8.81
CA CYS B 9 -6.24 30.15 8.95
C CYS B 9 -5.20 29.15 8.54
N GLN B 10 -4.65 28.40 9.51
CA GLN B 10 -3.51 27.47 9.26
C GLN B 10 -3.83 26.40 8.24
N PRO B 11 -2.89 26.06 7.34
CA PRO B 11 -3.12 24.81 6.57
C PRO B 11 -3.11 23.59 7.52
N THR B 12 -3.71 22.50 7.09
CA THR B 12 -3.65 21.35 7.96
C THR B 12 -2.50 20.53 7.45
N ARG B 13 -1.57 20.24 8.34
CA ARG B 13 -0.31 19.53 7.96
C ARG B 13 0.24 18.66 9.07
N PHE B 14 1.03 17.66 8.65
CA PHE B 14 1.71 16.85 9.71
C PHE B 14 3.02 16.38 9.16
N ILE B 15 3.97 16.14 10.05
CA ILE B 15 5.32 15.64 9.68
C ILE B 15 5.35 14.12 9.68
N SER B 16 6.10 13.52 8.80
CA SER B 16 6.45 12.08 8.95
C SER B 16 7.88 11.83 8.57
N ARG B 17 8.44 10.72 9.04
CA ARG B 17 9.80 10.27 8.58
C ARG B 17 9.55 8.93 7.91
N HIS B 18 10.31 8.67 6.86
CA HIS B 18 10.21 7.45 6.09
C HIS B 18 11.57 6.83 5.91
N ASN B 19 11.62 5.52 5.73
CA ASN B 19 12.81 4.99 5.11
C ASN B 19 12.91 5.26 3.62
N ILE B 20 13.99 4.89 2.98
CA ILE B 20 14.20 5.32 1.59
C ILE B 20 13.18 4.59 0.65
N GLU B 21 12.70 3.44 1.09
CA GLU B 21 11.66 2.67 0.45
C GLU B 21 10.29 3.30 0.50
N GLY B 22 10.05 4.18 1.48
CA GLY B 22 8.73 4.89 1.59
C GLY B 22 7.92 4.52 2.84
N ILE B 23 8.44 3.55 3.62
CA ILE B 23 7.69 3.13 4.81
C ILE B 23 7.70 4.21 5.90
N PHE B 24 6.52 4.55 6.42
CA PHE B 24 6.44 5.45 7.63
C PHE B 24 7.21 4.89 8.80
N THR B 25 8.18 5.64 9.30
CA THR B 25 8.90 5.21 10.55
C THR B 25 8.63 6.17 11.68
N PHE B 26 8.01 7.35 11.41
CA PHE B 26 7.59 8.20 12.43
C PHE B 26 6.39 8.99 11.86
N VAL B 27 5.36 9.23 12.68
CA VAL B 27 4.21 10.00 12.20
C VAL B 27 3.76 10.95 13.34
N ASP B 28 3.74 12.26 13.11
CA ASP B 28 3.31 13.32 14.03
C ASP B 28 1.76 13.21 14.11
N HIS B 29 1.26 13.24 15.34
CA HIS B 29 -0.14 13.10 15.70
C HIS B 29 -1.09 14.13 15.09
N ARG B 30 -0.56 15.22 14.52
CA ARG B 30 -1.38 16.12 13.65
C ARG B 30 -1.98 15.40 12.46
N CYS B 31 -1.47 14.21 12.15
CA CYS B 31 -2.13 13.40 11.10
C CYS B 31 -3.60 13.13 11.34
N VAL B 32 -4.01 13.04 12.63
CA VAL B 32 -5.43 12.68 12.96
C VAL B 32 -6.34 13.77 12.37
N ALA B 33 -6.04 15.04 12.62
CA ALA B 33 -6.84 16.07 11.98
C ALA B 33 -6.68 16.25 10.47
N THR B 34 -5.52 15.88 9.91
CA THR B 34 -5.19 16.09 8.49
C THR B 34 -5.88 15.01 7.63
N VAL B 35 -5.70 13.73 8.01
CA VAL B 35 -6.17 12.64 7.21
C VAL B 35 -7.01 11.59 7.93
N GLY B 36 -7.14 11.72 9.24
CA GLY B 36 -8.06 10.90 10.02
C GLY B 36 -7.55 9.68 10.70
N TYR B 37 -6.33 9.28 10.41
CA TYR B 37 -5.75 8.07 10.93
C TYR B 37 -5.01 8.44 12.18
N GLN B 38 -4.97 7.49 13.13
CA GLN B 38 -4.00 7.51 14.27
C GLN B 38 -2.62 7.20 13.66
N PRO B 39 -1.55 7.76 14.26
CA PRO B 39 -0.21 7.49 13.79
C PRO B 39 0.01 6.00 13.67
N GLN B 40 -0.51 5.15 14.59
CA GLN B 40 -0.21 3.72 14.47
C GLN B 40 -0.87 3.00 13.29
N GLU B 41 -1.87 3.66 12.68
CA GLU B 41 -2.44 3.16 11.45
C GLU B 41 -1.59 3.42 10.20
N LEU B 42 -0.59 4.33 10.32
CA LEU B 42 0.30 4.65 9.22
C LEU B 42 1.68 4.00 9.44
N LEU B 43 2.16 4.01 10.67
CA LEU B 43 3.46 3.41 10.98
C LEU B 43 3.67 2.01 10.42
N GLY B 44 4.83 1.78 9.82
CA GLY B 44 5.10 0.49 9.18
C GLY B 44 4.52 0.20 7.82
N LYS B 45 3.65 1.09 7.31
CA LYS B 45 3.08 0.98 5.98
C LYS B 45 3.79 1.90 5.02
N ASN B 46 3.77 1.55 3.77
CA ASN B 46 4.39 2.38 2.77
C ASN B 46 3.38 3.46 2.41
N ILE B 47 3.88 4.70 2.35
CA ILE B 47 3.03 5.82 1.94
C ILE B 47 2.27 5.52 0.62
N VAL B 48 2.88 4.79 -0.28
CA VAL B 48 2.21 4.40 -1.58
C VAL B 48 0.90 3.62 -1.39
N GLU B 49 0.77 2.96 -0.21
CA GLU B 49 -0.46 2.25 0.10
C GLU B 49 -1.66 3.16 0.32
N PHE B 50 -1.36 4.44 0.55
CA PHE B 50 -2.44 5.41 0.77
C PHE B 50 -2.67 6.26 -0.38
N CYS B 51 -1.96 5.97 -1.47
CA CYS B 51 -1.91 6.81 -2.63
C CYS B 51 -2.81 6.36 -3.81
N HIS B 52 -3.49 7.30 -4.46
CA HIS B 52 -4.31 7.02 -5.67
C HIS B 52 -3.53 6.27 -6.75
N PRO B 53 -4.16 5.25 -7.37
CA PRO B 53 -3.45 4.42 -8.31
C PRO B 53 -2.79 5.24 -9.43
N GLU B 54 -3.38 6.33 -9.86
CA GLU B 54 -2.79 7.12 -10.92
C GLU B 54 -1.55 7.86 -10.45
N ASP B 55 -1.38 8.04 -9.14
CA ASP B 55 -0.24 8.82 -8.53
C ASP B 55 0.84 7.96 -7.91
N GLN B 56 0.62 6.64 -7.84
CA GLN B 56 1.52 5.77 -7.04
C GLN B 56 2.90 5.74 -7.64
N GLN B 57 3.00 5.66 -8.97
CA GLN B 57 4.37 5.60 -9.55
C GLN B 57 5.11 6.93 -9.39
N LEU B 58 4.40 8.02 -9.57
CA LEU B 58 5.06 9.35 -9.31
C LEU B 58 5.54 9.40 -7.88
N LEU B 59 4.76 8.88 -6.94
CA LEU B 59 5.24 8.95 -5.57
C LEU B 59 6.47 8.02 -5.30
N ARG B 60 6.47 6.82 -5.92
CA ARG B 60 7.63 5.97 -5.83
C ARG B 60 8.83 6.65 -6.46
N ASP B 61 8.60 7.29 -7.64
CA ASP B 61 9.76 7.89 -8.33
C ASP B 61 10.29 9.07 -7.49
N SER B 62 9.38 9.75 -6.79
CA SER B 62 9.76 10.92 -5.97
C SER B 62 10.64 10.52 -4.77
N PHE B 63 10.30 9.37 -4.16
CA PHE B 63 11.10 8.90 -3.01
C PHE B 63 12.46 8.47 -3.52
N GLN B 64 12.49 7.95 -4.76
CA GLN B 64 13.73 7.52 -5.38
C GLN B 64 14.63 8.71 -5.72
N GLN B 65 14.07 9.81 -6.21
CA GLN B 65 14.88 10.97 -6.51
C GLN B 65 15.33 11.78 -5.34
N VAL B 66 14.51 11.83 -4.27
CA VAL B 66 14.87 12.80 -3.24
C VAL B 66 16.27 12.45 -2.70
N VAL B 67 16.63 11.15 -2.75
CA VAL B 67 17.95 10.77 -2.21
C VAL B 67 19.05 11.18 -3.16
N LYS B 68 18.73 11.54 -4.39
CA LYS B 68 19.81 11.99 -5.32
C LYS B 68 20.01 13.46 -5.28
N LEU B 69 19.11 14.19 -4.63
CA LEU B 69 19.09 15.64 -4.75
C LEU B 69 19.99 16.33 -3.66
N LYS B 70 20.88 15.58 -3.04
CA LYS B 70 21.90 16.26 -2.17
C LYS B 70 21.23 16.98 -0.96
N GLY B 71 20.31 16.30 -0.29
CA GLY B 71 19.60 16.95 0.80
C GLY B 71 18.68 18.17 0.51
N GLN B 72 18.49 18.61 -0.77
CA GLN B 72 17.61 19.74 -1.20
C GLN B 72 16.05 19.29 -1.15
N VAL B 73 15.07 20.21 -1.17
CA VAL B 73 13.63 19.82 -0.99
C VAL B 73 13.04 19.33 -2.30
N LEU B 74 12.31 18.18 -2.24
CA LEU B 74 11.53 17.77 -3.44
C LEU B 74 10.09 17.76 -3.03
N SER B 75 9.23 18.36 -3.86
CA SER B 75 7.85 18.37 -3.54
C SER B 75 7.07 17.44 -4.49
N VAL B 76 5.95 16.94 -4.03
CA VAL B 76 5.04 16.10 -4.91
C VAL B 76 3.62 16.37 -4.53
N MET B 77 2.66 16.37 -5.49
CA MET B 77 1.26 16.40 -5.11
C MET B 77 0.61 15.10 -5.51
N PHE B 78 -0.18 14.56 -4.62
CA PHE B 78 -0.85 13.32 -4.89
C PHE B 78 -2.12 13.17 -4.06
N ARG B 79 -2.97 12.24 -4.47
CA ARG B 79 -4.23 12.00 -3.80
C ARG B 79 -4.02 10.94 -2.72
N PHE B 80 -4.32 11.31 -1.49
CA PHE B 80 -4.13 10.47 -0.31
C PHE B 80 -5.49 10.03 0.19
N ARG B 81 -5.65 8.75 0.50
CA ARG B 81 -6.96 8.16 0.88
C ARG B 81 -7.18 8.39 2.36
N SER B 82 -8.15 9.28 2.71
CA SER B 82 -8.38 9.59 4.13
C SER B 82 -9.02 8.42 4.84
N LYS B 83 -9.11 8.55 6.15
CA LYS B 83 -9.77 7.54 6.94
C LYS B 83 -11.24 7.38 6.54
N ASN B 84 -11.82 8.42 5.95
CA ASN B 84 -13.16 8.25 5.35
C ASN B 84 -13.20 7.71 3.86
N GLN B 85 -12.11 7.10 3.44
CA GLN B 85 -12.03 6.46 2.12
C GLN B 85 -12.13 7.48 0.96
N GLU B 86 -11.97 8.77 1.31
CA GLU B 86 -12.02 9.88 0.33
C GLU B 86 -10.65 10.35 -0.15
N TRP B 87 -10.52 10.70 -1.44
CA TRP B 87 -9.23 11.14 -1.95
C TRP B 87 -8.97 12.64 -1.67
N LEU B 88 -7.93 12.91 -0.87
CA LEU B 88 -7.62 14.29 -0.47
C LEU B 88 -6.35 14.67 -1.22
N TRP B 89 -6.32 15.85 -1.81
CA TRP B 89 -5.06 16.28 -2.44
C TRP B 89 -4.04 16.65 -1.37
N MET B 90 -2.86 16.03 -1.45
CA MET B 90 -1.75 16.29 -0.47
C MET B 90 -0.56 16.83 -1.18
N ARG B 91 0.07 17.82 -0.58
CA ARG B 91 1.34 18.28 -1.09
C ARG B 91 2.39 17.86 -0.07
N THR B 92 3.24 16.89 -0.44
CA THR B 92 4.33 16.40 0.42
C THR B 92 5.65 17.01 0.00
N SER B 93 6.32 17.67 0.96
CA SER B 93 7.60 18.28 0.73
C SER B 93 8.61 17.48 1.50
N SER B 94 9.64 17.00 0.81
CA SER B 94 10.52 15.94 1.41
C SER B 94 11.97 16.32 1.24
N PHE B 95 12.82 15.88 2.14
CA PHE B 95 14.25 16.07 1.99
C PHE B 95 14.93 15.00 2.82
N THR B 96 16.20 14.72 2.47
CA THR B 96 16.88 13.64 3.25
C THR B 96 17.64 14.22 4.45
N PHE B 97 17.81 13.38 5.48
CA PHE B 97 18.73 13.85 6.55
C PHE B 97 19.74 12.71 6.75
N GLN B 98 21.02 13.08 6.88
CA GLN B 98 22.05 12.11 7.23
C GLN B 98 22.99 12.87 8.18
N ASN B 99 23.24 12.30 9.34
CA ASN B 99 24.06 12.96 10.37
C ASN B 99 25.54 12.76 9.97
N PRO B 100 26.24 13.85 9.65
CA PRO B 100 27.62 13.79 9.11
C PRO B 100 28.63 13.28 10.10
N TYR B 101 28.24 13.15 11.35
CA TYR B 101 29.17 12.44 12.30
C TYR B 101 29.09 10.94 12.11
N SER B 102 28.21 10.47 11.21
CA SER B 102 28.05 9.02 11.10
C SER B 102 28.01 8.60 9.64
N ASP B 103 27.96 7.30 9.42
CA ASP B 103 27.73 6.80 8.06
C ASP B 103 26.48 5.95 8.03
N GLU B 104 25.52 6.30 8.89
CA GLU B 104 24.25 5.61 8.90
C GLU B 104 23.38 6.02 7.69
N ILE B 105 22.49 5.14 7.24
CA ILE B 105 21.77 5.43 5.99
C ILE B 105 20.85 6.66 6.22
N GLU B 106 20.76 7.46 5.19
CA GLU B 106 19.90 8.62 5.29
C GLU B 106 18.43 8.11 5.36
N TYR B 107 17.62 8.94 5.97
CA TYR B 107 16.17 8.76 5.93
C TYR B 107 15.54 10.03 5.38
N ILE B 108 14.24 9.95 5.17
CA ILE B 108 13.55 11.05 4.47
C ILE B 108 12.59 11.71 5.48
N ILE B 109 12.58 13.03 5.53
CA ILE B 109 11.62 13.79 6.40
C ILE B 109 10.59 14.45 5.50
N CYS B 110 9.31 14.32 5.80
CA CYS B 110 8.26 14.90 4.90
C CYS B 110 7.40 15.84 5.70
N THR B 111 6.90 16.93 5.06
CA THR B 111 5.78 17.63 5.65
C THR B 111 4.66 17.44 4.64
N ASN B 112 3.47 17.13 5.13
CA ASN B 112 2.33 16.63 4.35
C ASN B 112 1.19 17.66 4.56
N THR B 113 0.75 18.41 3.52
CA THR B 113 -0.30 19.42 3.80
C THR B 113 -1.45 19.08 2.87
N ASN B 114 -2.69 19.16 3.36
CA ASN B 114 -3.91 19.12 2.40
C ASN B 114 -3.97 20.40 1.58
N VAL B 115 -4.00 20.30 0.26
CA VAL B 115 -3.93 21.48 -0.59
C VAL B 115 -5.14 21.35 -1.58
N LYS B 116 -5.43 22.45 -2.25
CA LYS B 116 -6.42 22.48 -3.32
C LYS B 116 -5.75 22.19 -4.64
N ASN B 117 -6.41 21.41 -5.50
CA ASN B 117 -5.87 21.26 -6.82
C ASN B 117 -6.66 22.22 -7.73
N SER B 118 -6.22 23.45 -7.81
CA SER B 118 -7.00 24.41 -8.68
C SER B 118 -6.26 25.72 -8.90
#